data_6O7Z
#
_entry.id   6O7Z
#
_cell.length_a   102.910
_cell.length_b   102.910
_cell.length_c   42.520
_cell.angle_alpha   90.00
_cell.angle_beta   90.00
_cell.angle_gamma   120.00
#
_symmetry.space_group_name_H-M   'P 31 2 1'
#
loop_
_entity.id
_entity.type
_entity.pdbx_description
1 polymer 'Putative Eukaryotic translation initiation factor 4E type 5'
2 non-polymer 2-amino-9-[(2R,3R,4S,5R)-5-({[(R)-{[(S)-{[(R)-({(2R,3R,4R,5R)-5-[6-(dimethylamino)-9H-purin-9-yl]-3-hydroxy-4-methoxytetrahydrofuran-2-yl}methoxy)(hydroxy)phosphoryl]oxy}(hydroxy)phosphoryl]oxy}(hydroxy)phosphoryl]oxy}methyl)-3,4-dihydroxytetrahydrofuran-2-yl]-7-methyl-6-oxo-6,9-dihydro-1H-purin-7-ium
3 non-polymer 'SULFATE ION'
4 water water
#
_entity_poly.entity_id   1
_entity_poly.type   'polypeptide(L)'
_entity_poly.pdbx_seq_one_letter_code
;MSYYHHHHHHLESTSLYKKAGCMKETAHALKDPWFLSYIPQLTPDTVKYDFKGDWNKAKQALQQPLDYIRTVEEFWSTIN
SLPKLHQLGNGSTFIFARNNVDASYEAFPNGTRVLVDLYKASVAEKGMDFVLSSVLGEGLTYDVFNGKKVCDVVRLSSRP
NQESPELVRLEVWLSDQLYAKDVIPYIRKGLNEAGLSFTDFIMGESTFEKDKKKPSVSGAKS
;
_entity_poly.pdbx_strand_id   A
#
loop_
_chem_comp.id
_chem_comp.type
_chem_comp.name
_chem_comp.formula
LRP non-polymer 2-amino-9-[(2R,3R,4S,5R)-5-({[(R)-{[(S)-{[(R)-({(2R,3R,4R,5R)-5-[6-(dimethylamino)-9H-purin-9-yl]-3-hydroxy-4-methoxytetrahydrofuran-2-yl}methoxy)(hydroxy)phosphoryl]oxy}(hydroxy)phosphoryl]oxy}(hydroxy)phosphoryl]oxy}methyl)-3,4-dihydroxytetrahydrofuran-2-yl]-7-methyl-6-oxo-6,9-dihydro-1H-purin-7-ium 'C24 H36 N10 O17 P3 1'
SO4 non-polymer 'SULFATE ION' 'O4 S -2'
#
# COMPACT_ATOMS: atom_id res chain seq x y z
N THR A 26 -24.04 -3.01 -15.17
CA THR A 26 -23.31 -1.89 -15.78
C THR A 26 -21.77 -2.11 -15.70
N ALA A 27 -21.20 -1.79 -14.51
CA ALA A 27 -19.79 -1.85 -14.16
C ALA A 27 -19.52 -3.17 -13.40
N HIS A 28 -18.22 -3.53 -13.21
CA HIS A 28 -17.82 -4.79 -12.61
C HIS A 28 -17.29 -4.66 -11.22
N ALA A 29 -18.08 -5.12 -10.25
CA ALA A 29 -17.78 -5.09 -8.83
C ALA A 29 -16.49 -5.79 -8.47
N LEU A 30 -15.71 -5.20 -7.54
CA LEU A 30 -14.53 -5.82 -6.99
C LEU A 30 -15.08 -6.91 -6.02
N LYS A 31 -14.23 -7.86 -5.52
CA LYS A 31 -14.63 -8.88 -4.53
C LYS A 31 -15.06 -8.22 -3.25
N ASP A 32 -14.46 -7.06 -2.96
CA ASP A 32 -14.79 -6.24 -1.81
C ASP A 32 -14.52 -4.82 -2.18
N PRO A 33 -15.37 -3.86 -1.71
CA PRO A 33 -15.04 -2.44 -1.93
C PRO A 33 -13.82 -2.05 -1.03
N TRP A 34 -13.00 -1.11 -1.50
CA TRP A 34 -11.82 -0.67 -0.76
C TRP A 34 -11.94 0.79 -0.54
N PHE A 35 -11.76 1.24 0.71
CA PHE A 35 -11.85 2.67 0.99
C PHE A 35 -10.46 3.30 0.87
N LEU A 36 -10.38 4.39 0.12
CA LEU A 36 -9.13 5.11 -0.07
C LEU A 36 -9.11 6.40 0.75
N SER A 37 -8.09 6.52 1.63
CA SER A 37 -7.85 7.72 2.43
C SER A 37 -6.40 8.22 2.28
N TYR A 38 -6.13 9.42 2.76
CA TYR A 38 -4.85 10.08 2.67
C TYR A 38 -4.46 10.70 4.00
N ILE A 39 -3.25 10.41 4.51
CA ILE A 39 -2.75 11.05 5.73
C ILE A 39 -1.58 11.92 5.29
N PRO A 40 -1.70 13.27 5.30
CA PRO A 40 -0.58 14.10 4.84
C PRO A 40 0.59 14.14 5.81
N GLN A 41 1.84 14.25 5.28
CA GLN A 41 3.12 14.33 6.00
C GLN A 41 3.14 13.55 7.35
N LEU A 42 2.65 12.30 7.31
CA LEU A 42 2.57 11.37 8.44
C LEU A 42 4.00 10.84 8.77
N THR A 43 4.68 11.49 9.73
CA THR A 43 6.03 11.12 10.15
C THR A 43 6.04 10.70 11.65
N PRO A 44 7.06 9.97 12.18
CA PRO A 44 7.04 9.62 13.62
C PRO A 44 7.17 10.83 14.55
N ASP A 45 7.91 11.89 14.12
CA ASP A 45 8.12 13.14 14.86
C ASP A 45 6.99 14.18 14.61
N THR A 46 5.93 13.79 13.88
CA THR A 46 4.72 14.59 13.62
C THR A 46 3.65 14.14 14.63
N VAL A 47 3.79 12.90 15.15
CA VAL A 47 2.92 12.34 16.19
C VAL A 47 3.47 12.82 17.57
N LYS A 48 4.51 13.69 17.51
CA LYS A 48 5.16 14.43 18.60
C LYS A 48 4.26 15.64 18.88
N TYR A 49 3.70 16.23 17.80
CA TYR A 49 2.72 17.33 17.77
C TYR A 49 1.42 16.74 18.34
N ASP A 50 1.17 15.43 18.07
CA ASP A 50 0.00 14.65 18.52
C ASP A 50 0.30 13.76 19.77
N PHE A 51 1.22 14.23 20.66
CA PHE A 51 1.67 13.59 21.91
C PHE A 51 2.36 12.23 21.70
N ASP A 54 -0.03 8.99 21.33
CA ASP A 54 -1.30 8.40 20.89
C ASP A 54 -1.44 8.42 19.36
N TRP A 55 -1.88 7.29 18.79
CA TRP A 55 -2.10 7.15 17.35
C TRP A 55 -3.50 7.54 16.95
N ASN A 56 -4.52 6.95 17.62
CA ASN A 56 -5.96 7.13 17.42
C ASN A 56 -6.36 8.58 17.14
N LYS A 57 -5.80 9.55 17.91
CA LYS A 57 -6.06 10.99 17.76
C LYS A 57 -5.28 11.64 16.60
N ALA A 58 -4.08 11.14 16.27
CA ALA A 58 -3.29 11.65 15.15
C ALA A 58 -4.03 11.39 13.84
N LYS A 59 -4.53 10.13 13.65
CA LYS A 59 -5.32 9.66 12.52
C LYS A 59 -6.66 10.42 12.46
N GLN A 60 -7.42 10.43 13.58
CA GLN A 60 -8.72 11.12 13.76
C GLN A 60 -8.70 12.53 13.16
N ALA A 61 -7.61 13.29 13.42
CA ALA A 61 -7.42 14.69 13.00
C ALA A 61 -6.82 14.89 11.62
N LEU A 62 -5.77 14.10 11.26
CA LEU A 62 -4.99 14.26 10.02
C LEU A 62 -5.52 13.53 8.77
N GLN A 63 -6.09 12.31 8.92
CA GLN A 63 -6.57 11.50 7.80
C GLN A 63 -7.70 12.22 7.05
N GLN A 64 -7.64 12.21 5.72
CA GLN A 64 -8.64 12.79 4.82
C GLN A 64 -9.27 11.67 3.98
N PRO A 65 -10.62 11.55 3.87
CA PRO A 65 -11.18 10.47 3.02
C PRO A 65 -11.15 10.86 1.54
N LEU A 66 -10.69 9.99 0.67
CA LEU A 66 -10.68 10.35 -0.74
C LEU A 66 -11.77 9.69 -1.58
N ASP A 67 -11.98 8.37 -1.49
CA ASP A 67 -12.95 7.67 -2.33
C ASP A 67 -13.26 6.25 -1.77
N TYR A 68 -14.26 5.60 -2.34
CA TYR A 68 -14.75 4.27 -1.99
C TYR A 68 -14.82 3.45 -3.30
N ILE A 69 -13.81 2.64 -3.56
CA ILE A 69 -13.70 1.90 -4.80
C ILE A 69 -14.54 0.63 -4.71
N ARG A 70 -15.58 0.57 -5.56
CA ARG A 70 -16.54 -0.52 -5.62
C ARG A 70 -16.33 -1.45 -6.82
N THR A 71 -15.92 -0.89 -7.98
CA THR A 71 -15.73 -1.59 -9.25
C THR A 71 -14.36 -1.45 -9.83
N VAL A 72 -14.05 -2.28 -10.87
CA VAL A 72 -12.81 -2.27 -11.64
C VAL A 72 -12.70 -0.93 -12.41
N GLU A 73 -13.80 -0.43 -12.92
CA GLU A 73 -13.80 0.86 -13.62
C GLU A 73 -13.46 1.99 -12.63
N GLU A 74 -14.07 1.98 -11.41
CA GLU A 74 -13.77 2.95 -10.35
C GLU A 74 -12.28 2.89 -9.93
N PHE A 75 -11.75 1.66 -9.79
CA PHE A 75 -10.36 1.33 -9.47
C PHE A 75 -9.36 2.03 -10.37
N TRP A 76 -9.55 1.89 -11.69
CA TRP A 76 -8.66 2.45 -12.70
C TRP A 76 -8.66 3.94 -12.72
N SER A 77 -9.82 4.60 -12.73
CA SER A 77 -9.90 6.07 -12.66
C SER A 77 -9.26 6.59 -11.37
N THR A 78 -9.50 5.96 -10.24
CA THR A 78 -8.87 6.36 -8.99
C THR A 78 -7.32 6.27 -9.11
N ILE A 79 -6.77 5.08 -9.46
CA ILE A 79 -5.33 4.86 -9.63
C ILE A 79 -4.69 5.90 -10.58
N ASN A 80 -5.39 6.25 -11.68
CA ASN A 80 -4.92 7.19 -12.69
C ASN A 80 -4.96 8.64 -12.21
N SER A 81 -5.94 8.99 -11.36
CA SER A 81 -6.12 10.31 -10.79
C SER A 81 -5.17 10.61 -9.63
N LEU A 82 -4.67 9.58 -8.93
CA LEU A 82 -3.74 9.69 -7.80
C LEU A 82 -2.60 10.67 -8.07
N PRO A 83 -2.41 11.70 -7.21
CA PRO A 83 -1.30 12.63 -7.42
C PRO A 83 0.01 11.99 -6.95
N LYS A 84 0.98 11.80 -7.88
CA LYS A 84 2.30 11.17 -7.71
C LYS A 84 2.91 11.42 -6.30
N LEU A 85 3.13 10.31 -5.54
CA LEU A 85 3.60 10.24 -4.15
C LEU A 85 4.77 11.14 -3.74
N HIS A 86 5.87 11.15 -4.53
CA HIS A 86 7.09 11.92 -4.27
C HIS A 86 6.85 13.45 -4.27
N GLN A 87 5.88 13.93 -5.12
CA GLN A 87 5.48 15.35 -5.28
C GLN A 87 4.91 15.88 -3.97
N LEU A 88 4.10 15.05 -3.26
CA LEU A 88 3.53 15.37 -1.94
C LEU A 88 4.68 15.33 -0.92
N GLY A 89 4.42 15.79 0.29
CA GLY A 89 5.43 15.82 1.36
C GLY A 89 5.91 14.47 1.82
N ASN A 90 7.09 14.45 2.45
CA ASN A 90 7.68 13.24 3.04
C ASN A 90 6.74 12.76 4.15
N GLY A 91 6.32 11.50 4.04
CA GLY A 91 5.41 10.87 4.99
C GLY A 91 3.98 10.80 4.51
N SER A 92 3.63 11.51 3.40
CA SER A 92 2.29 11.51 2.79
C SER A 92 1.91 10.10 2.29
N THR A 93 0.98 9.45 3.00
CA THR A 93 0.51 8.09 2.77
C THR A 93 -0.90 8.03 2.14
N PHE A 94 -1.13 7.03 1.24
CA PHE A 94 -2.43 6.65 0.66
C PHE A 94 -2.73 5.29 1.27
N ILE A 95 -3.93 5.13 1.84
CA ILE A 95 -4.35 3.88 2.45
C ILE A 95 -5.56 3.32 1.68
N PHE A 96 -5.46 2.07 1.24
CA PHE A 96 -6.53 1.35 0.57
C PHE A 96 -6.84 0.28 1.60
N ALA A 97 -8.03 0.36 2.18
CA ALA A 97 -8.47 -0.51 3.25
C ALA A 97 -9.70 -1.30 2.82
N ARG A 98 -9.58 -2.64 2.80
CA ARG A 98 -10.65 -3.56 2.39
C ARG A 98 -11.84 -3.35 3.31
N ASN A 99 -13.03 -3.23 2.73
CA ASN A 99 -14.29 -3.01 3.47
C ASN A 99 -14.20 -1.89 4.52
N ASN A 100 -13.36 -0.86 4.25
CA ASN A 100 -13.21 0.31 5.10
C ASN A 100 -12.66 0.02 6.50
N VAL A 101 -11.85 -1.04 6.65
CA VAL A 101 -11.20 -1.43 7.91
C VAL A 101 -10.25 -0.34 8.39
N ASP A 102 -9.93 -0.35 9.70
CA ASP A 102 -8.97 0.58 10.25
C ASP A 102 -7.60 -0.03 10.02
N ALA A 103 -6.73 0.73 9.34
CA ALA A 103 -5.37 0.35 9.04
C ALA A 103 -4.52 0.69 10.26
N SER A 104 -4.57 -0.18 11.27
CA SER A 104 -3.88 -0.10 12.56
C SER A 104 -3.09 -1.39 12.78
N TYR A 105 -1.85 -1.32 13.35
CA TYR A 105 -1.04 -2.54 13.62
C TYR A 105 -1.83 -3.40 14.58
N GLU A 106 -2.49 -2.71 15.52
CA GLU A 106 -3.36 -3.21 16.56
C GLU A 106 -4.42 -4.18 15.99
N ALA A 107 -5.00 -3.83 14.81
CA ALA A 107 -6.02 -4.63 14.12
C ALA A 107 -5.51 -6.00 13.63
N PHE A 108 -4.17 -6.10 13.37
CA PHE A 108 -3.51 -7.29 12.83
C PHE A 108 -2.37 -7.80 13.75
N PRO A 109 -2.71 -8.59 14.78
CA PRO A 109 -1.69 -9.01 15.75
C PRO A 109 -0.77 -10.16 15.30
N ASN A 110 -1.31 -11.16 14.57
CA ASN A 110 -0.50 -12.29 14.07
C ASN A 110 0.08 -11.96 12.68
N GLY A 111 -0.16 -10.73 12.20
CA GLY A 111 0.25 -10.29 10.87
C GLY A 111 1.68 -9.86 10.68
N THR A 112 1.89 -9.03 9.62
CA THR A 112 3.17 -8.45 9.17
C THR A 112 2.92 -7.51 7.98
N ARG A 113 3.94 -6.72 7.59
CA ARG A 113 3.83 -5.87 6.40
C ARG A 113 5.06 -6.01 5.49
N VAL A 114 4.81 -6.54 4.28
CA VAL A 114 5.78 -6.72 3.20
C VAL A 114 6.02 -5.34 2.60
N LEU A 115 7.27 -4.89 2.65
CA LEU A 115 7.66 -3.58 2.16
C LEU A 115 8.32 -3.65 0.82
N VAL A 116 8.11 -2.64 -0.02
CA VAL A 116 8.74 -2.45 -1.32
C VAL A 116 9.15 -0.98 -1.37
N ASP A 117 10.42 -0.71 -1.63
CA ASP A 117 10.91 0.65 -1.80
C ASP A 117 11.25 0.80 -3.28
N LEU A 118 10.81 1.89 -3.91
CA LEU A 118 10.99 2.14 -5.34
C LEU A 118 11.74 3.43 -5.49
N TYR A 119 12.90 3.37 -6.13
CA TYR A 119 13.85 4.46 -6.17
C TYR A 119 13.47 5.62 -7.08
N LYS A 120 12.91 5.35 -8.26
CA LYS A 120 12.48 6.42 -9.15
C LYS A 120 10.96 6.54 -9.08
N ALA A 121 10.42 7.73 -9.39
CA ALA A 121 8.97 7.94 -9.41
C ALA A 121 8.39 7.24 -10.66
N SER A 122 9.18 7.19 -11.79
CA SER A 122 8.80 6.50 -13.02
C SER A 122 8.49 5.03 -12.77
N VAL A 123 9.44 4.28 -12.14
CA VAL A 123 9.22 2.86 -11.83
C VAL A 123 8.13 2.64 -10.84
N ALA A 124 8.01 3.54 -9.85
CA ALA A 124 7.01 3.44 -8.79
C ALA A 124 5.58 3.40 -9.34
N GLU A 125 5.31 4.02 -10.51
CA GLU A 125 3.98 3.95 -11.12
C GLU A 125 3.68 2.51 -11.52
N LYS A 126 4.55 1.87 -12.36
CA LYS A 126 4.48 0.47 -12.79
C LYS A 126 4.36 -0.49 -11.61
N GLY A 127 5.10 -0.22 -10.53
CA GLY A 127 5.11 -1.02 -9.30
C GLY A 127 3.81 -0.92 -8.53
N MET A 128 3.31 0.28 -8.36
CA MET A 128 2.04 0.57 -7.70
C MET A 128 0.90 -0.10 -8.44
N ASP A 129 0.93 -0.02 -9.77
CA ASP A 129 -0.07 -0.62 -10.63
C ASP A 129 -0.08 -2.13 -10.48
N PHE A 130 1.09 -2.76 -10.32
CA PHE A 130 1.18 -4.20 -10.15
C PHE A 130 0.63 -4.61 -8.78
N VAL A 131 1.18 -4.01 -7.71
CA VAL A 131 0.85 -4.35 -6.32
C VAL A 131 -0.65 -4.09 -6.03
N LEU A 132 -1.24 -3.02 -6.60
CA LEU A 132 -2.65 -2.71 -6.38
C LEU A 132 -3.56 -3.61 -7.14
N SER A 133 -3.19 -3.96 -8.37
CA SER A 133 -3.93 -4.90 -9.22
C SER A 133 -3.91 -6.32 -8.55
N SER A 134 -2.78 -6.69 -7.92
CA SER A 134 -2.60 -7.96 -7.21
C SER A 134 -3.43 -8.03 -5.92
N VAL A 135 -3.56 -6.91 -5.22
CA VAL A 135 -4.30 -6.85 -3.97
C VAL A 135 -5.81 -6.68 -4.22
N LEU A 136 -6.23 -5.51 -4.76
CA LEU A 136 -7.63 -5.20 -5.06
C LEU A 136 -8.26 -6.19 -6.06
N GLY A 137 -7.46 -6.66 -7.01
CA GLY A 137 -7.95 -7.58 -8.03
C GLY A 137 -7.95 -9.03 -7.59
N GLU A 138 -7.61 -9.27 -6.29
CA GLU A 138 -7.57 -10.58 -5.67
C GLU A 138 -6.56 -11.54 -6.35
N GLY A 139 -5.49 -10.98 -6.94
CA GLY A 139 -4.43 -11.74 -7.57
C GLY A 139 -3.70 -12.57 -6.53
N LEU A 140 -3.12 -11.92 -5.50
CA LEU A 140 -2.45 -12.57 -4.36
C LEU A 140 -3.32 -13.68 -3.78
N THR A 141 -4.62 -13.38 -3.54
CA THR A 141 -5.60 -14.27 -2.92
C THR A 141 -5.69 -15.64 -3.60
N TYR A 142 -5.74 -15.68 -4.93
CA TYR A 142 -5.90 -16.95 -5.63
C TYR A 142 -4.59 -17.52 -6.15
N ASP A 143 -3.51 -16.72 -6.16
CA ASP A 143 -2.20 -17.20 -6.59
C ASP A 143 -1.31 -17.64 -5.43
N VAL A 144 -1.51 -17.09 -4.22
CA VAL A 144 -0.70 -17.34 -3.03
C VAL A 144 -1.50 -17.94 -1.85
N PHE A 145 -2.58 -17.26 -1.41
CA PHE A 145 -3.35 -17.61 -0.21
C PHE A 145 -4.41 -18.72 -0.40
N ASN A 146 -4.49 -19.33 -1.61
CA ASN A 146 -5.45 -20.39 -1.94
C ASN A 146 -6.93 -20.03 -1.64
N GLY A 147 -7.25 -18.73 -1.74
CA GLY A 147 -8.59 -18.19 -1.51
C GLY A 147 -8.72 -17.28 -0.30
N LYS A 148 -7.81 -17.39 0.67
CA LYS A 148 -7.84 -16.60 1.90
C LYS A 148 -7.57 -15.13 1.60
N LYS A 149 -8.39 -14.24 2.19
CA LYS A 149 -8.23 -12.79 2.05
C LYS A 149 -7.33 -12.30 3.22
N VAL A 150 -6.04 -12.62 3.08
CA VAL A 150 -4.94 -12.32 4.01
C VAL A 150 -4.58 -10.82 3.92
N CYS A 151 -4.64 -10.19 2.74
CA CYS A 151 -4.33 -8.75 2.62
C CYS A 151 -5.60 -7.84 2.69
N ASP A 152 -5.63 -6.93 3.68
CA ASP A 152 -6.74 -5.98 3.86
C ASP A 152 -6.28 -4.53 3.73
N VAL A 153 -4.97 -4.27 3.80
CA VAL A 153 -4.44 -2.91 3.68
C VAL A 153 -3.22 -2.84 2.69
N VAL A 154 -3.21 -1.78 1.85
CA VAL A 154 -2.09 -1.40 0.98
C VAL A 154 -1.87 0.11 1.24
N ARG A 155 -0.68 0.45 1.78
CA ARG A 155 -0.26 1.83 2.01
C ARG A 155 0.80 2.20 0.97
N LEU A 156 0.79 3.44 0.53
CA LEU A 156 1.70 3.94 -0.49
C LEU A 156 2.19 5.28 0.02
N SER A 157 3.46 5.41 0.42
CA SER A 157 3.92 6.69 0.96
C SER A 157 5.25 7.19 0.40
N SER A 158 5.50 8.51 0.50
CA SER A 158 6.76 9.12 0.09
C SER A 158 7.78 8.99 1.26
N ARG A 159 8.95 8.33 1.02
CA ARG A 159 9.99 8.16 2.04
C ARG A 159 11.34 8.60 1.48
N PRO A 160 11.52 9.89 1.14
CA PRO A 160 12.80 10.31 0.56
C PRO A 160 14.01 10.24 1.48
N ASN A 161 15.19 10.00 0.86
CA ASN A 161 16.51 9.98 1.46
C ASN A 161 17.22 11.17 0.87
N GLN A 162 18.37 11.54 1.48
CA GLN A 162 19.27 12.56 0.94
C GLN A 162 19.77 11.94 -0.38
N GLU A 163 19.97 10.60 -0.36
CA GLU A 163 20.38 9.74 -1.47
C GLU A 163 19.27 9.73 -2.55
N SER A 164 18.10 9.09 -2.24
CA SER A 164 16.96 8.94 -3.16
C SER A 164 15.77 9.82 -2.77
N PRO A 165 15.57 10.99 -3.43
CA PRO A 165 14.46 11.87 -3.05
C PRO A 165 13.10 11.55 -3.70
N GLU A 166 13.12 10.80 -4.84
CA GLU A 166 11.93 10.37 -5.59
C GLU A 166 11.34 9.08 -5.00
N LEU A 167 11.99 8.50 -3.93
CA LEU A 167 11.65 7.23 -3.25
C LEU A 167 10.22 7.15 -2.80
N VAL A 168 9.60 5.99 -3.09
CA VAL A 168 8.21 5.69 -2.74
C VAL A 168 8.25 4.35 -2.04
N ARG A 169 7.43 4.17 -0.99
CA ARG A 169 7.33 2.90 -0.28
C ARG A 169 5.92 2.30 -0.38
N LEU A 170 5.83 0.99 -0.71
CA LEU A 170 4.55 0.29 -0.74
C LEU A 170 4.53 -0.69 0.39
N GLU A 171 3.44 -0.73 1.16
CA GLU A 171 3.34 -1.73 2.23
C GLU A 171 2.15 -2.63 1.92
N VAL A 172 2.36 -3.94 1.89
CA VAL A 172 1.31 -4.93 1.65
C VAL A 172 1.12 -5.56 2.98
N TRP A 173 0.02 -5.21 3.69
CA TRP A 173 -0.32 -5.69 5.05
C TRP A 173 -0.90 -7.09 5.03
N LEU A 174 -0.43 -7.97 5.90
CA LEU A 174 -0.95 -9.34 5.96
C LEU A 174 -1.57 -9.63 7.32
N SER A 175 -2.64 -10.46 7.34
CA SER A 175 -3.38 -10.88 8.54
C SER A 175 -2.58 -11.94 9.31
N ASP A 176 -1.67 -12.65 8.59
CA ASP A 176 -0.82 -13.74 9.06
C ASP A 176 0.61 -13.68 8.45
N GLN A 177 1.65 -13.65 9.31
CA GLN A 177 3.09 -13.61 8.96
C GLN A 177 3.57 -14.85 8.19
N LEU A 178 2.86 -15.99 8.35
CA LEU A 178 3.15 -17.27 7.68
C LEU A 178 3.17 -17.11 6.15
N TYR A 179 2.48 -16.06 5.65
CA TYR A 179 2.34 -15.77 4.23
C TYR A 179 3.40 -14.87 3.67
N ALA A 180 4.06 -14.01 4.50
CA ALA A 180 5.11 -13.11 4.03
C ALA A 180 6.24 -13.82 3.29
N LYS A 181 6.51 -15.06 3.67
CA LYS A 181 7.51 -15.92 3.07
C LYS A 181 7.16 -16.22 1.63
N ASP A 182 5.89 -16.06 1.27
CA ASP A 182 5.37 -16.32 -0.07
C ASP A 182 4.95 -15.06 -0.80
N VAL A 183 4.65 -13.98 -0.07
CA VAL A 183 4.28 -12.69 -0.66
C VAL A 183 5.53 -12.01 -1.23
N ILE A 184 6.65 -12.06 -0.48
CA ILE A 184 7.94 -11.50 -0.91
C ILE A 184 8.41 -12.09 -2.31
N PRO A 185 8.55 -13.43 -2.57
CA PRO A 185 8.94 -13.87 -3.91
C PRO A 185 7.91 -13.58 -5.02
N TYR A 186 6.60 -13.60 -4.69
CA TYR A 186 5.49 -13.34 -5.62
C TYR A 186 5.51 -11.90 -6.16
N ILE A 187 5.63 -10.90 -5.25
CA ILE A 187 5.68 -9.47 -5.56
C ILE A 187 6.94 -9.13 -6.33
N ARG A 188 8.12 -9.65 -5.90
CA ARG A 188 9.40 -9.44 -6.58
C ARG A 188 9.35 -9.97 -8.02
N LYS A 189 8.76 -11.16 -8.24
CA LYS A 189 8.60 -11.80 -9.56
C LYS A 189 7.67 -10.97 -10.44
N GLY A 190 6.61 -10.42 -9.85
CA GLY A 190 5.63 -9.62 -10.57
C GLY A 190 6.22 -8.33 -11.04
N LEU A 191 7.06 -7.70 -10.19
CA LEU A 191 7.74 -6.44 -10.44
C LEU A 191 8.78 -6.61 -11.57
N ASN A 192 9.47 -7.75 -11.61
CA ASN A 192 10.41 -8.04 -12.69
C ASN A 192 9.64 -8.15 -14.00
N GLU A 193 8.52 -8.87 -13.99
CA GLU A 193 7.63 -9.01 -15.15
C GLU A 193 7.03 -7.65 -15.55
N ALA A 194 6.82 -6.73 -14.58
CA ALA A 194 6.28 -5.38 -14.84
C ALA A 194 7.32 -4.47 -15.49
N GLY A 195 8.57 -4.90 -15.58
CA GLY A 195 9.63 -4.09 -16.19
C GLY A 195 10.78 -3.67 -15.31
N LEU A 196 10.59 -3.72 -13.98
CA LEU A 196 11.56 -3.31 -12.97
C LEU A 196 12.74 -4.26 -12.78
N SER A 197 13.95 -3.68 -12.70
CA SER A 197 15.18 -4.43 -12.46
C SER A 197 15.38 -4.53 -10.96
N PHE A 198 16.42 -5.25 -10.53
CA PHE A 198 16.68 -5.45 -9.11
C PHE A 198 17.18 -4.20 -8.41
N THR A 199 17.79 -3.25 -9.18
CA THR A 199 18.24 -1.95 -8.68
C THR A 199 17.06 -0.96 -8.61
N ASP A 200 15.92 -1.26 -9.26
CA ASP A 200 14.74 -0.40 -9.30
C ASP A 200 13.91 -0.43 -8.03
N PHE A 201 13.99 -1.53 -7.27
CA PHE A 201 13.28 -1.71 -6.00
C PHE A 201 14.06 -2.61 -5.02
N ILE A 202 13.65 -2.61 -3.74
CA ILE A 202 14.15 -3.47 -2.65
C ILE A 202 12.95 -3.98 -1.85
N MET A 203 12.85 -5.30 -1.64
CA MET A 203 11.81 -5.97 -0.83
C MET A 203 12.25 -5.92 0.65
N GLY A 204 11.29 -5.97 1.54
CA GLY A 204 11.52 -5.97 2.98
C GLY A 204 10.32 -6.46 3.78
N GLU A 205 10.48 -6.46 5.10
CA GLU A 205 9.45 -6.90 6.03
C GLU A 205 9.60 -6.15 7.34
N SER A 206 8.48 -5.96 8.03
CA SER A 206 8.36 -5.30 9.33
C SER A 206 7.25 -6.04 10.03
N THR A 207 7.58 -6.72 11.14
CA THR A 207 6.66 -7.50 11.97
C THR A 207 5.68 -6.56 12.69
N PHE A 208 4.51 -7.09 13.13
CA PHE A 208 3.53 -6.28 13.86
C PHE A 208 3.54 -6.63 15.35
N1 LRP B . 14.49 1.64 6.80
C2 LRP B . 12.63 -2.86 7.55
N3 LRP B . 12.69 4.94 6.59
C4 LRP B . 13.74 0.64 7.19
C5 LRP B . 12.36 2.34 7.23
C6 LRP B . 13.62 2.72 6.82
O2 LRP B . 10.38 0.82 8.60
N4 LRP B . 11.28 3.13 7.34
O16 LRP B . 9.08 3.95 11.69
P LRP B . 8.40 3.55 10.42
O15 LRP B . 8.86 4.18 9.16
O3 LRP B . 8.43 1.96 10.22
C12 LRP B . 9.45 1.11 10.82
C11 LRP B . 9.93 0.11 9.78
C3 LRP B . 11.38 0.07 7.93
N LRP B . 12.44 0.99 7.48
C10 LRP B . 11.54 4.39 7.00
C7 LRP B . 13.76 4.13 6.49
N2 LRP B . 14.94 4.77 6.07
C9 LRP B . 14.97 6.18 5.71
C8 LRP B . 16.23 4.10 5.91
C1 LRP B . 11.85 -1.03 8.89
O1 LRP B . 11.57 -2.31 8.34
C LRP B . 11.12 -0.74 10.21
O LRP B . 10.71 -1.91 10.90
O4 LRP B . 6.84 3.80 10.59
P1 LRP B . 5.54 3.75 9.67
O14 LRP B . 4.31 3.48 10.42
O13 LRP B . 5.84 2.77 8.52
O5 LRP B . 5.49 5.22 9.07
P2 LRP B . 4.31 6.29 8.94
O12 LRP B . 4.36 6.98 7.62
O6 LRP B . 3.02 5.50 9.13
O7 LRP B . 4.40 7.34 10.24
C13 LRP B . 5.03 6.88 11.47
C14 LRP B . 4.24 7.31 12.69
C23 LRP B . 4.72 6.69 14.01
O11 LRP B . 4.68 7.65 15.07
C22 LRP B . 3.76 5.52 14.21
O10 LRP B . 3.57 5.20 15.59
C15 LRP B . 2.47 6.07 13.61
O8 LRP B . 2.86 6.94 12.56
N5 LRP B . 1.57 5.02 13.07
C18 LRP B . 0.83 4.11 13.78
N9 LRP B . 0.79 3.99 15.13
C21 LRP B . 0.02 2.98 15.55
N8 LRP B . -0.08 2.73 16.85
N7 LRP B . -0.69 2.17 14.70
C20 LRP B . -0.70 2.25 13.32
O9 LRP B . -1.35 1.46 12.64
C19 LRP B . 0.16 3.32 12.87
N6 LRP B . 0.53 3.79 11.62
C17 LRP B . 0.13 3.22 10.32
C16 LRP B . 1.36 4.80 11.77
S SO4 C . 15.18 -8.02 -2.90
O1 SO4 C . 14.69 -8.85 -1.80
O2 SO4 C . 14.39 -8.25 -4.11
O3 SO4 C . 15.15 -6.61 -2.51
O4 SO4 C . 16.57 -8.36 -3.15
#